data_7KPN
#
_entry.id   7KPN
#
_cell.length_a   1.00
_cell.length_b   1.00
_cell.length_c   1.00
_cell.angle_alpha   90.00
_cell.angle_beta   90.00
_cell.angle_gamma   90.00
#
_symmetry.space_group_name_H-M   'P 1'
#
loop_
_entity.id
_entity.type
_entity.pdbx_description
1 polymer 'Dyslexia-associated protein KIAA0319-like protein'
2 polymer 'Capsid protein'
#
loop_
_entity_poly.entity_id
_entity_poly.type
_entity_poly.pdbx_seq_one_letter_code
_entity_poly.pdbx_strand_id
1 'polypeptide(L)'
;MASHHHHHHVSAGESVQITLPKNEVQLNAYVLQEPPKGETYTYDWQLITHPRDYSGEMEGKHSQILKLSKLTPGLYEFKV
IVEGQNAHGEGYVNVTVKPEPRKNRPPIAIVSPQFQEISLPTTSTVIDGSQSTDDDKIVQYHWEELKGPLREEKISEDTA
ILKLSKLVPGNYTFSLTVVDSDGATNSTTANLTVNKAVD
;
Z
2 'polypeptide(L)'
;SFVDHPPDWLEEVGEGLREFLGLEAGPPKPKPNQQHQDQARGLVLPGYNYLGPGNGLDRGEPVNRADEVAREHDISYNEQ
LEAGDNPYLKYNHADAEFQEKLADDTSFGGNLGKAVFQAKKRVLEPFGLVEEGAKTAPTGKRIDDHFPKRKKARTEEDSK
PSTSSDAEAGPSGSQQLQIPAQPASSLGADTMSAGGGGPLGDNNQGADGVGNASGDWHCDSTWMGDRVVTKSTRTWVLPS
YNNHQYREIKSGSVDGSNANAYFGYSTPWGYFDFNRFHSHWSPRDWQRLINNYWGFRPRSLRVKIFNIQVKEVTVQDSTT
TIANNLTSTVQVFTDDDYQLPYVVGNGTEGCLPAFPPQVFTLPQYGYATLNRDNTENPTERSSFFCLEYFPSKMLRTGNN
FEFTYNFEEVPFHSSFAPSQNLFKLANPLVDQYLYRFVSTNNTGGVQFNKNLAGRYANTYKNWFPGPMGRTQGWNLGSGV
NRASVSAFATTNRMELEGASYQVPPQPNGMTNNLQGSNTYALENTMIFNSQPANPGTTATYLEGNMLITSESETQPVNRV
AYNVGGQMATNNQSSTTAPATGTYNLQEIVPGSVWMERDVYLQGPIWAKIPETGAHFHPSPAMGGFGLKHPPPMMLIKNT
PVPGNITSFSDVPVSSFITQYSTGQVTVEMEWELKKENSKRWNPEIQYTNNYNDPQFVDFAPDSTGEYRTTRPIGTRYLT
RPL
;
A
#
# COMPACT_ATOMS: atom_id res chain seq x y z
N SER A 11 -29.42 27.55 -33.23
CA SER A 11 -29.75 26.39 -32.33
C SER A 11 -31.25 26.35 -31.99
N ALA A 12 -31.68 25.24 -31.40
CA ALA A 12 -33.09 25.07 -31.02
C ALA A 12 -33.28 25.19 -29.51
N GLY A 13 -34.52 25.06 -29.06
CA GLY A 13 -34.83 25.16 -27.64
C GLY A 13 -36.07 24.37 -27.25
N GLU A 14 -36.07 23.08 -27.55
CA GLU A 14 -37.21 22.21 -27.23
C GLU A 14 -37.38 22.01 -25.71
N SER A 15 -38.55 22.39 -25.20
CA SER A 15 -38.83 22.25 -23.77
C SER A 15 -39.89 21.18 -23.48
N VAL A 16 -39.56 20.25 -22.59
CA VAL A 16 -40.46 19.16 -22.23
C VAL A 16 -40.91 19.29 -20.77
N GLN A 17 -41.95 18.53 -20.39
CA GLN A 17 -42.48 18.57 -19.02
C GLN A 17 -43.05 17.23 -18.57
N ILE A 18 -42.93 16.97 -17.27
CA ILE A 18 -43.45 15.74 -16.68
C ILE A 18 -43.99 16.05 -15.28
N THR A 19 -44.67 15.09 -14.67
CA THR A 19 -45.25 15.27 -13.34
C THR A 19 -45.33 13.93 -12.60
N LEU A 20 -46.16 13.87 -11.56
CA LEU A 20 -46.37 12.65 -10.78
C LEU A 20 -45.07 12.01 -10.26
N PRO A 21 -45.16 10.80 -9.64
CA PRO A 21 -43.95 10.13 -9.12
C PRO A 21 -42.95 9.66 -10.20
N LYS A 22 -43.46 9.24 -11.35
CA LYS A 22 -42.58 8.79 -12.44
C LYS A 22 -41.58 9.88 -12.79
N ASN A 23 -40.35 9.49 -13.09
CA ASN A 23 -39.32 10.46 -13.41
C ASN A 23 -38.33 10.03 -14.50
N GLU A 24 -37.90 8.76 -14.46
CA GLU A 24 -36.95 8.25 -15.45
C GLU A 24 -37.41 8.49 -16.89
N VAL A 25 -36.62 9.27 -17.64
CA VAL A 25 -36.96 9.59 -19.02
C VAL A 25 -35.72 9.58 -19.93
N GLN A 26 -35.96 9.39 -21.23
CA GLN A 26 -34.88 9.36 -22.22
C GLN A 26 -35.08 10.46 -23.26
N LEU A 27 -33.98 11.06 -23.70
CA LEU A 27 -34.03 12.14 -24.69
C LEU A 27 -33.17 11.85 -25.92
N ASN A 28 -33.77 11.98 -27.11
CA ASN A 28 -33.05 11.74 -28.36
C ASN A 28 -32.42 13.04 -28.85
N ALA A 29 -31.74 12.99 -29.99
CA ALA A 29 -31.10 14.17 -30.57
C ALA A 29 -31.42 14.30 -32.06
N TYR A 30 -31.90 15.48 -32.45
CA TYR A 30 -32.26 15.74 -33.84
C TYR A 30 -31.46 16.92 -34.41
N VAL A 31 -30.67 16.63 -35.45
CA VAL A 31 -29.86 17.66 -36.10
C VAL A 31 -30.27 17.79 -37.57
N LEU A 32 -30.19 19.02 -38.08
CA LEU A 32 -30.53 19.31 -39.47
C LEU A 32 -29.32 19.02 -40.36
N GLN A 33 -29.58 18.77 -41.64
CA GLN A 33 -28.52 18.47 -42.62
C GLN A 33 -27.91 17.10 -42.30
N GLU A 34 -28.75 16.07 -42.26
CA GLU A 34 -28.30 14.70 -41.95
C GLU A 34 -27.31 14.17 -43.00
N PRO A 35 -26.15 13.68 -42.55
CA PRO A 35 -25.06 13.13 -43.38
C PRO A 35 -25.33 11.70 -43.88
N PRO A 36 -24.39 11.13 -44.64
CA PRO A 36 -24.56 9.76 -45.16
C PRO A 36 -24.37 8.69 -44.08
N LYS A 37 -24.78 7.47 -44.38
CA LYS A 37 -24.67 6.36 -43.43
C LYS A 37 -23.22 6.12 -43.01
N GLY A 38 -22.28 6.37 -43.94
CA GLY A 38 -20.88 6.18 -43.66
C GLY A 38 -20.30 7.17 -42.66
N GLU A 39 -21.03 8.26 -42.41
CA GLU A 39 -20.60 9.28 -41.47
C GLU A 39 -21.58 9.44 -40.29
N THR A 40 -21.14 9.00 -39.12
CA THR A 40 -21.95 9.11 -37.91
C THR A 40 -21.29 10.15 -36.99
N TYR A 41 -22.10 10.92 -36.29
CA TYR A 41 -21.59 11.95 -35.39
C TYR A 41 -21.43 11.42 -33.97
N THR A 42 -20.66 12.14 -33.15
CA THR A 42 -20.44 11.75 -31.77
C THR A 42 -21.12 12.80 -30.87
N TYR A 43 -22.39 12.55 -30.57
CA TYR A 43 -23.18 13.45 -29.72
C TYR A 43 -22.57 13.57 -28.33
N ASP A 44 -22.81 14.70 -27.67
CA ASP A 44 -22.28 14.94 -26.32
C ASP A 44 -23.29 15.74 -25.50
N TRP A 45 -23.70 15.21 -24.36
CA TRP A 45 -24.66 15.89 -23.49
C TRP A 45 -24.01 16.49 -22.26
N GLN A 46 -24.46 17.69 -21.88
CA GLN A 46 -23.95 18.37 -20.71
C GLN A 46 -25.11 18.89 -19.88
N LEU A 47 -25.17 18.49 -18.62
CA LEU A 47 -26.22 18.97 -17.73
C LEU A 47 -25.72 20.30 -17.18
N ILE A 48 -26.34 21.40 -17.59
CA ILE A 48 -25.91 22.71 -17.14
C ILE A 48 -26.70 23.29 -15.96
N THR A 49 -27.87 22.71 -15.67
CA THR A 49 -28.72 23.16 -14.58
C THR A 49 -29.59 21.99 -14.11
N HIS A 50 -29.66 21.79 -12.80
CA HIS A 50 -30.49 20.73 -12.22
C HIS A 50 -30.87 21.16 -10.81
N PRO A 51 -31.91 20.55 -10.22
CA PRO A 51 -32.33 20.90 -8.86
C PRO A 51 -31.21 20.63 -7.87
N ARG A 52 -31.19 21.34 -6.74
CA ARG A 52 -30.13 21.12 -5.76
C ARG A 52 -30.12 19.72 -5.13
N ASP A 53 -31.24 19.02 -5.19
CA ASP A 53 -31.37 17.68 -4.61
C ASP A 53 -30.89 16.59 -5.57
N TYR A 54 -31.04 16.82 -6.86
CA TYR A 54 -30.66 15.87 -7.90
C TYR A 54 -29.30 15.20 -7.72
N SER A 55 -29.34 13.89 -7.47
CA SER A 55 -28.13 13.10 -7.30
C SER A 55 -27.93 12.39 -8.63
N GLY A 56 -29.00 11.77 -9.10
CA GLY A 56 -29.05 11.05 -10.36
C GLY A 56 -27.81 10.74 -11.19
N GLU A 57 -28.06 10.16 -12.37
CA GLU A 57 -27.00 9.76 -13.29
C GLU A 57 -27.37 10.03 -14.75
N MET A 58 -26.38 9.92 -15.63
CA MET A 58 -26.58 10.11 -17.06
C MET A 58 -25.96 8.94 -17.81
N GLU A 59 -26.80 8.18 -18.51
CA GLU A 59 -26.32 7.02 -19.26
C GLU A 59 -26.42 7.24 -20.78
N GLY A 60 -25.36 6.86 -21.49
CA GLY A 60 -25.34 7.03 -22.92
C GLY A 60 -25.37 8.50 -23.31
N LYS A 61 -24.33 9.23 -22.91
CA LYS A 61 -24.24 10.66 -23.23
C LYS A 61 -23.80 10.83 -24.66
N HIS A 62 -22.76 10.09 -25.04
CA HIS A 62 -22.20 10.17 -26.39
C HIS A 62 -23.11 9.55 -27.46
N SER A 63 -24.26 9.04 -27.04
CA SER A 63 -25.22 8.43 -27.97
C SER A 63 -26.29 9.47 -28.33
N GLN A 64 -27.28 9.05 -29.11
CA GLN A 64 -28.36 9.96 -29.50
C GLN A 64 -29.35 10.12 -28.35
N ILE A 65 -29.47 9.07 -27.53
CA ILE A 65 -30.40 9.06 -26.42
C ILE A 65 -29.75 9.03 -25.03
N LEU A 66 -29.95 10.11 -24.27
CA LEU A 66 -29.42 10.21 -22.91
C LEU A 66 -30.54 9.74 -21.98
N LYS A 67 -30.22 8.80 -21.09
CA LYS A 67 -31.21 8.28 -20.16
C LYS A 67 -31.07 8.90 -18.76
N LEU A 68 -32.18 9.36 -18.23
CA LEU A 68 -32.22 9.99 -16.91
C LEU A 68 -33.02 9.16 -15.91
N SER A 69 -32.55 9.12 -14.68
CA SER A 69 -33.22 8.37 -13.63
C SER A 69 -33.06 9.10 -12.30
N LYS A 70 -34.03 8.93 -11.40
CA LYS A 70 -34.00 9.58 -10.10
C LYS A 70 -34.08 11.10 -10.23
N LEU A 71 -35.08 11.56 -10.96
CA LEU A 71 -35.29 12.99 -11.16
C LEU A 71 -36.18 13.58 -10.06
N THR A 72 -35.63 14.53 -9.31
CA THR A 72 -36.36 15.22 -8.26
C THR A 72 -37.00 16.45 -8.92
N PRO A 73 -38.05 17.03 -8.31
CA PRO A 73 -38.75 18.21 -8.86
C PRO A 73 -37.85 19.43 -9.10
N GLY A 74 -38.06 20.11 -10.21
CA GLY A 74 -37.28 21.30 -10.52
C GLY A 74 -37.03 21.46 -12.01
N LEU A 75 -36.11 22.35 -12.34
CA LEU A 75 -35.76 22.60 -13.73
C LEU A 75 -34.42 21.92 -14.07
N TYR A 76 -34.38 21.27 -15.23
CA TYR A 76 -33.18 20.59 -15.74
C TYR A 76 -32.81 21.23 -17.07
N GLU A 77 -31.56 21.64 -17.20
CA GLU A 77 -31.09 22.24 -18.46
C GLU A 77 -30.03 21.36 -19.10
N PHE A 78 -30.27 20.96 -20.35
CA PHE A 78 -29.30 20.15 -21.07
C PHE A 78 -28.79 20.88 -22.27
N LYS A 79 -27.73 20.34 -22.87
CA LYS A 79 -27.13 20.95 -24.04
C LYS A 79 -26.43 19.89 -24.87
N VAL A 80 -27.15 19.29 -25.82
CA VAL A 80 -26.55 18.28 -26.67
C VAL A 80 -25.77 18.97 -27.79
N ILE A 81 -24.56 18.48 -28.06
CA ILE A 81 -23.71 19.05 -29.11
C ILE A 81 -23.39 17.99 -30.17
N VAL A 82 -23.84 18.24 -31.40
CA VAL A 82 -23.63 17.32 -32.51
C VAL A 82 -22.67 17.90 -33.55
N GLU A 83 -21.52 17.24 -33.72
CA GLU A 83 -20.51 17.67 -34.69
C GLU A 83 -20.03 16.53 -35.58
N GLY A 84 -19.38 16.89 -36.68
CA GLY A 84 -18.86 15.90 -37.61
C GLY A 84 -17.72 16.47 -38.45
N GLN A 85 -17.67 16.06 -39.72
CA GLN A 85 -16.63 16.55 -40.63
C GLN A 85 -17.04 17.89 -41.23
N ASN A 86 -16.50 18.98 -40.67
CA ASN A 86 -16.79 20.34 -41.11
C ASN A 86 -18.27 20.66 -40.86
N ALA A 87 -18.72 20.45 -39.61
CA ALA A 87 -20.10 20.72 -39.24
C ALA A 87 -20.35 20.59 -37.74
N HIS A 88 -20.12 21.66 -37.00
CA HIS A 88 -20.34 21.68 -35.56
C HIS A 88 -21.77 22.17 -35.30
N GLY A 89 -22.41 21.63 -34.26
CA GLY A 89 -23.77 22.04 -33.95
C GLY A 89 -24.19 21.66 -32.54
N GLU A 90 -25.41 22.09 -32.15
CA GLU A 90 -25.92 21.79 -30.82
C GLU A 90 -27.36 22.22 -30.61
N GLY A 91 -28.07 21.47 -29.76
CA GLY A 91 -29.45 21.78 -29.44
C GLY A 91 -29.56 22.01 -27.94
N TYR A 92 -30.67 22.59 -27.50
CA TYR A 92 -30.89 22.87 -26.09
C TYR A 92 -32.22 22.26 -25.65
N VAL A 93 -32.28 21.76 -24.42
CA VAL A 93 -33.50 21.16 -23.94
C VAL A 93 -33.70 21.38 -22.44
N ASN A 94 -34.91 21.80 -22.09
CA ASN A 94 -35.30 22.08 -20.71
C ASN A 94 -36.33 21.04 -20.27
N VAL A 95 -36.20 20.54 -19.05
CA VAL A 95 -37.15 19.58 -18.51
C VAL A 95 -37.64 20.19 -17.20
N THR A 96 -38.94 20.13 -16.96
CA THR A 96 -39.52 20.68 -15.74
C THR A 96 -40.35 19.59 -15.06
N VAL A 97 -39.98 19.24 -13.83
CA VAL A 97 -40.68 18.21 -13.07
C VAL A 97 -41.53 18.85 -11.96
N LYS A 98 -42.75 18.36 -11.77
CA LYS A 98 -43.66 18.86 -10.73
C LYS A 98 -43.85 17.86 -9.57
N ASP B 208 15.44 31.43 -8.89
CA ASP B 208 16.59 32.18 -9.51
C ASP B 208 16.35 32.40 -11.02
N GLY B 209 16.96 31.58 -11.87
CA GLY B 209 16.76 31.78 -13.30
C GLY B 209 16.61 30.54 -14.15
N VAL B 210 16.26 30.77 -15.41
CA VAL B 210 16.07 29.70 -16.39
C VAL B 210 17.34 28.91 -16.76
N GLY B 211 18.47 29.61 -16.93
CA GLY B 211 19.70 28.94 -17.33
C GLY B 211 20.66 28.54 -16.23
N ASN B 212 20.15 28.40 -15.01
CA ASN B 212 20.97 27.97 -13.88
C ASN B 212 20.26 26.79 -13.22
N ALA B 213 20.98 25.72 -12.90
CA ALA B 213 20.40 24.53 -12.28
C ALA B 213 20.11 24.76 -10.78
N SER B 214 18.95 24.30 -10.30
CA SER B 214 18.60 24.53 -8.89
C SER B 214 19.11 23.51 -7.87
N GLY B 215 19.81 22.48 -8.31
CA GLY B 215 20.35 21.50 -7.40
C GLY B 215 21.24 20.50 -8.12
N ASP B 216 21.89 19.61 -7.37
CA ASP B 216 22.76 18.61 -7.97
C ASP B 216 22.36 17.18 -7.70
N TRP B 217 22.96 16.26 -8.42
CA TRP B 217 22.64 14.86 -8.26
C TRP B 217 23.47 14.24 -7.15
N HIS B 218 22.80 13.58 -6.20
CA HIS B 218 23.44 12.94 -5.05
C HIS B 218 22.91 11.55 -4.89
N CYS B 219 23.79 10.57 -4.95
CA CYS B 219 23.39 9.21 -4.71
C CYS B 219 24.60 8.80 -3.95
N ASP B 220 24.43 8.10 -2.84
CA ASP B 220 25.60 7.78 -2.04
C ASP B 220 25.22 6.99 -0.83
N SER B 221 26.20 6.70 0.01
CA SER B 221 26.01 5.96 1.23
C SER B 221 27.26 6.30 1.95
N THR B 222 27.13 6.79 3.14
CA THR B 222 28.30 7.16 3.87
C THR B 222 28.17 6.49 5.20
N TRP B 223 29.07 5.55 5.45
CA TRP B 223 29.09 4.82 6.70
C TRP B 223 30.05 5.49 7.63
N MET B 224 29.59 5.87 8.80
CA MET B 224 30.46 6.55 9.74
C MET B 224 30.32 5.99 11.15
N GLY B 225 30.68 4.73 11.28
CA GLY B 225 30.61 4.06 12.58
C GLY B 225 29.25 3.56 12.97
N ASP B 226 28.60 4.37 13.81
CA ASP B 226 27.30 4.11 14.38
C ASP B 226 26.14 4.60 13.48
N ARG B 227 26.48 5.41 12.47
CA ARG B 227 25.53 6.00 11.54
C ARG B 227 25.83 5.60 10.12
N VAL B 228 24.86 5.78 9.24
CA VAL B 228 25.02 5.56 7.82
C VAL B 228 24.02 6.53 7.26
N VAL B 229 24.41 7.22 6.21
CA VAL B 229 23.57 8.21 5.58
C VAL B 229 23.37 7.82 4.14
N THR B 230 22.12 7.67 3.72
CA THR B 230 21.87 7.31 2.34
C THR B 230 21.29 8.52 1.60
N LYS B 231 21.59 8.66 0.33
CA LYS B 231 21.09 9.75 -0.51
C LYS B 231 20.64 9.16 -1.78
N SER B 232 19.51 9.62 -2.28
CA SER B 232 18.96 9.12 -3.52
C SER B 232 18.40 10.24 -4.29
N THR B 233 18.60 10.23 -5.61
CA THR B 233 18.05 11.24 -6.45
C THR B 233 17.36 10.45 -7.51
N ARG B 234 16.20 10.92 -7.95
CA ARG B 234 15.50 10.28 -9.03
C ARG B 234 14.90 11.37 -9.88
N THR B 235 14.44 11.00 -11.05
CA THR B 235 13.78 11.93 -11.93
C THR B 235 12.32 11.48 -11.92
N TRP B 236 11.42 12.42 -11.67
CA TRP B 236 10.00 12.15 -11.66
C TRP B 236 9.27 12.92 -12.74
N VAL B 237 8.13 12.40 -13.16
CA VAL B 237 7.29 13.10 -14.07
C VAL B 237 5.90 13.17 -13.38
N LEU B 238 5.21 14.30 -13.53
CA LEU B 238 3.88 14.52 -12.95
C LEU B 238 2.81 14.87 -13.96
N PRO B 239 1.86 13.97 -14.20
CA PRO B 239 0.77 14.25 -15.16
C PRO B 239 -0.23 15.23 -14.53
N SER B 240 -1.06 15.89 -15.33
CA SER B 240 -2.10 16.73 -14.72
C SER B 240 -3.28 15.76 -14.56
N TYR B 241 -3.55 15.42 -13.31
CA TYR B 241 -4.58 14.43 -12.96
C TYR B 241 -6.01 14.92 -12.90
N ASN B 242 -6.93 14.19 -13.53
CA ASN B 242 -8.34 14.59 -13.45
C ASN B 242 -8.69 15.84 -14.26
N ASN B 243 -7.69 16.44 -14.89
CA ASN B 243 -7.88 17.68 -15.64
C ASN B 243 -8.19 18.81 -14.66
N HIS B 244 -7.42 18.83 -13.57
CA HIS B 244 -7.52 19.86 -12.54
C HIS B 244 -8.67 19.84 -11.58
N GLN B 245 -9.49 18.80 -11.62
CA GLN B 245 -10.59 18.80 -10.68
C GLN B 245 -10.77 17.65 -9.74
N TYR B 246 -11.45 17.92 -8.63
CA TYR B 246 -11.75 16.88 -7.66
C TYR B 246 -12.93 16.11 -8.15
N ARG B 247 -12.93 14.82 -7.92
CA ARG B 247 -14.05 14.00 -8.30
C ARG B 247 -14.35 13.17 -7.11
N GLU B 248 -15.60 12.78 -6.99
CA GLU B 248 -16.01 11.94 -5.90
C GLU B 248 -16.07 10.58 -6.58
N ILE B 249 -15.24 9.66 -6.09
CA ILE B 249 -15.15 8.29 -6.62
C ILE B 249 -15.86 7.33 -5.66
N LYS B 250 -16.39 6.25 -6.22
CA LYS B 250 -17.08 5.31 -5.38
C LYS B 250 -17.30 3.94 -6.00
N SER B 251 -17.57 2.97 -5.16
CA SER B 251 -17.79 1.62 -5.64
C SER B 251 -18.83 0.90 -4.81
N GLY B 252 -19.51 -0.06 -5.44
CA GLY B 252 -20.48 -0.85 -4.72
C GLY B 252 -19.80 -2.17 -4.35
N SER B 253 -20.57 -3.26 -4.33
CA SER B 253 -20.06 -4.59 -4.01
C SER B 253 -19.39 -5.19 -5.27
N VAL B 254 -18.07 -5.28 -5.27
CA VAL B 254 -17.28 -5.80 -6.39
C VAL B 254 -16.76 -7.23 -6.10
N ASP B 255 -16.81 -8.11 -7.10
CA ASP B 255 -16.32 -9.49 -6.93
C ASP B 255 -17.09 -10.28 -5.84
N GLY B 256 -18.34 -9.92 -5.62
CA GLY B 256 -19.15 -10.59 -4.60
C GLY B 256 -18.74 -10.31 -3.16
N SER B 257 -18.24 -9.11 -2.90
CA SER B 257 -17.82 -8.73 -1.55
C SER B 257 -18.10 -7.27 -1.30
N ASN B 258 -18.95 -6.98 -0.34
CA ASN B 258 -19.24 -5.58 -0.08
C ASN B 258 -18.19 -4.92 0.79
N ALA B 259 -17.08 -5.62 1.06
CA ALA B 259 -16.02 -5.01 1.85
C ALA B 259 -15.26 -4.14 0.86
N ASN B 260 -15.53 -4.41 -0.41
CA ASN B 260 -14.97 -3.70 -1.54
C ASN B 260 -15.62 -2.34 -1.81
N ALA B 261 -16.80 -2.12 -1.25
CA ALA B 261 -17.51 -0.85 -1.41
C ALA B 261 -16.79 0.29 -0.74
N TYR B 262 -16.88 1.47 -1.32
CA TYR B 262 -16.27 2.64 -0.72
C TYR B 262 -16.83 3.89 -1.35
N PHE B 263 -16.47 4.97 -0.71
CA PHE B 263 -16.86 6.27 -1.08
C PHE B 263 -15.67 7.15 -0.78
N GLY B 264 -15.24 7.95 -1.73
CA GLY B 264 -14.11 8.81 -1.47
C GLY B 264 -13.95 9.88 -2.51
N TYR B 265 -12.75 10.42 -2.59
CA TYR B 265 -12.39 11.49 -3.49
C TYR B 265 -11.06 11.36 -4.17
N SER B 266 -11.00 11.58 -5.50
CA SER B 266 -9.68 11.64 -6.13
C SER B 266 -9.37 13.11 -6.25
N THR B 267 -8.11 13.47 -6.16
CA THR B 267 -7.76 14.84 -6.25
C THR B 267 -6.85 15.01 -7.44
N PRO B 268 -6.52 16.25 -7.76
CA PRO B 268 -5.61 16.43 -8.91
C PRO B 268 -4.14 16.47 -8.48
N TRP B 269 -3.87 16.15 -7.22
CA TRP B 269 -2.53 16.13 -6.69
C TRP B 269 -1.83 14.76 -6.80
N GLY B 270 -0.51 14.80 -6.77
CA GLY B 270 0.26 13.57 -6.84
C GLY B 270 1.13 13.69 -5.62
N TYR B 271 1.80 12.63 -5.23
CA TYR B 271 2.65 12.74 -4.06
C TYR B 271 3.89 11.91 -4.19
N PHE B 272 4.88 12.28 -3.40
CA PHE B 272 6.13 11.55 -3.32
C PHE B 272 5.99 10.54 -2.22
N ASP B 273 6.36 9.33 -2.55
CA ASP B 273 6.30 8.20 -1.65
C ASP B 273 7.71 7.53 -1.61
N PHE B 274 8.43 7.58 -0.49
CA PHE B 274 9.71 6.86 -0.43
C PHE B 274 9.74 5.92 0.74
N ASN B 275 8.71 5.11 0.82
CA ASN B 275 8.56 4.21 1.91
C ASN B 275 8.75 2.76 1.46
N ARG B 276 9.91 2.51 0.89
CA ARG B 276 10.35 1.20 0.45
C ARG B 276 11.81 1.26 0.71
N PHE B 277 12.41 0.17 1.17
CA PHE B 277 13.84 0.23 1.47
C PHE B 277 14.71 0.38 0.24
N HIS B 278 14.32 -0.25 -0.85
CA HIS B 278 15.12 -0.16 -2.04
C HIS B 278 15.17 1.22 -2.66
N SER B 279 14.42 2.16 -2.13
CA SER B 279 14.46 3.55 -2.58
C SER B 279 15.69 4.21 -1.95
N HIS B 280 16.23 3.62 -0.90
CA HIS B 280 17.36 4.24 -0.22
C HIS B 280 18.61 3.39 -0.19
N TRP B 281 18.46 2.08 -0.36
CA TRP B 281 19.58 1.17 -0.27
C TRP B 281 19.87 0.44 -1.54
N SER B 282 21.15 0.30 -1.88
CA SER B 282 21.50 -0.51 -3.03
C SER B 282 21.58 -1.92 -2.51
N PRO B 283 21.49 -2.88 -3.41
CA PRO B 283 21.58 -4.28 -3.02
C PRO B 283 22.83 -4.56 -2.21
N ARG B 284 23.93 -3.97 -2.63
CA ARG B 284 25.18 -4.14 -1.99
C ARG B 284 25.28 -3.40 -0.66
N ASP B 285 24.63 -2.28 -0.47
CA ASP B 285 24.71 -1.66 0.86
C ASP B 285 23.77 -2.36 1.83
N TRP B 286 22.74 -2.96 1.29
CA TRP B 286 21.82 -3.68 2.08
C TRP B 286 22.56 -4.87 2.61
N GLN B 287 23.36 -5.51 1.78
CA GLN B 287 24.15 -6.68 2.19
C GLN B 287 25.18 -6.32 3.20
N ARG B 288 25.72 -5.14 3.09
CA ARG B 288 26.67 -4.71 4.05
C ARG B 288 26.02 -4.48 5.40
N LEU B 289 24.74 -4.13 5.40
CA LEU B 289 24.00 -3.89 6.63
C LEU B 289 23.54 -5.16 7.32
N ILE B 290 22.97 -6.09 6.59
CA ILE B 290 22.47 -7.29 7.19
C ILE B 290 23.48 -8.39 7.55
N ASN B 291 24.74 -8.20 7.17
CA ASN B 291 25.76 -9.19 7.43
C ASN B 291 26.60 -8.71 8.59
N ASN B 292 26.39 -7.49 9.02
CA ASN B 292 27.20 -6.89 10.06
C ASN B 292 26.58 -6.24 11.26
N TYR B 293 25.29 -5.90 11.21
CA TYR B 293 24.65 -5.21 12.31
C TYR B 293 23.53 -5.96 12.95
N TRP B 294 23.24 -5.62 14.17
CA TRP B 294 22.19 -6.35 14.84
C TRP B 294 20.86 -5.66 14.71
N GLY B 295 20.93 -4.38 14.38
CA GLY B 295 19.73 -3.63 14.20
C GLY B 295 19.98 -2.27 13.63
N PHE B 296 18.89 -1.57 13.37
CA PHE B 296 18.98 -0.23 12.86
C PHE B 296 17.65 0.45 12.97
N ARG B 297 17.67 1.76 12.93
CA ARG B 297 16.47 2.53 12.96
C ARG B 297 16.74 3.87 12.28
N PRO B 298 15.70 4.48 11.70
CA PRO B 298 15.81 5.77 11.01
C PRO B 298 15.88 6.92 11.97
N ARG B 299 16.71 7.92 11.69
CA ARG B 299 16.90 9.07 12.55
C ARG B 299 16.43 10.40 11.96
N SER B 300 16.68 10.61 10.69
CA SER B 300 16.27 11.86 10.11
C SER B 300 16.04 11.72 8.65
N LEU B 301 15.39 12.74 8.10
CA LEU B 301 15.03 12.74 6.71
C LEU B 301 15.17 14.15 6.13
N ARG B 302 15.66 14.27 4.91
CA ARG B 302 15.77 15.59 4.30
C ARG B 302 15.34 15.38 2.88
N VAL B 303 14.41 16.19 2.39
CA VAL B 303 13.95 16.02 1.00
C VAL B 303 14.12 17.28 0.21
N LYS B 304 14.40 17.12 -1.08
CA LYS B 304 14.56 18.27 -1.93
C LYS B 304 14.01 18.05 -3.29
N ILE B 305 13.24 19.01 -3.78
CA ILE B 305 12.67 18.94 -5.13
C ILE B 305 13.27 20.07 -5.91
N PHE B 306 13.86 19.79 -7.05
CA PHE B 306 14.55 20.84 -7.81
C PHE B 306 14.53 20.53 -9.28
N ASN B 307 15.15 21.42 -10.06
CA ASN B 307 15.22 21.38 -11.53
C ASN B 307 13.90 21.09 -12.17
N ILE B 308 12.91 21.90 -11.85
CA ILE B 308 11.58 21.72 -12.39
C ILE B 308 11.41 22.20 -13.82
N GLN B 309 10.60 21.52 -14.57
CA GLN B 309 10.35 21.88 -15.95
C GLN B 309 8.93 21.61 -16.30
N VAL B 310 8.16 22.64 -16.62
CA VAL B 310 6.79 22.42 -17.02
C VAL B 310 6.73 22.39 -18.54
N LYS B 311 6.06 21.40 -19.08
CA LYS B 311 5.96 21.29 -20.52
C LYS B 311 4.53 21.45 -20.97
N GLU B 312 4.28 22.24 -22.01
CA GLU B 312 2.93 22.39 -22.54
C GLU B 312 2.80 21.44 -23.73
N VAL B 313 1.68 20.76 -23.84
CA VAL B 313 1.44 19.79 -24.91
C VAL B 313 0.29 20.28 -25.77
N THR B 314 0.53 20.40 -27.07
CA THR B 314 -0.51 20.86 -27.99
C THR B 314 -0.70 19.85 -29.10
N VAL B 315 -1.93 19.36 -29.28
CA VAL B 315 -2.20 18.37 -30.32
C VAL B 315 -3.08 18.91 -31.46
N GLN B 316 -2.56 19.91 -32.17
CA GLN B 316 -3.30 20.50 -33.29
C GLN B 316 -2.98 19.78 -34.60
N ASP B 317 -4.00 19.18 -35.22
CA ASP B 317 -3.82 18.46 -36.49
C ASP B 317 -2.96 17.18 -36.35
N SER B 318 -3.15 16.47 -35.23
CA SER B 318 -2.42 15.22 -34.95
C SER B 318 -0.88 15.33 -34.93
N THR B 319 -0.35 16.52 -34.66
CA THR B 319 1.09 16.74 -34.64
C THR B 319 1.71 16.59 -33.23
N THR B 320 0.88 16.76 -32.20
CA THR B 320 1.30 16.68 -30.79
C THR B 320 2.74 17.15 -30.50
N THR B 321 2.92 18.47 -30.41
CA THR B 321 4.24 19.05 -30.13
C THR B 321 4.39 19.39 -28.66
N ILE B 322 5.58 19.16 -28.11
CA ILE B 322 5.83 19.46 -26.71
C ILE B 322 6.82 20.61 -26.61
N ALA B 323 6.37 21.70 -26.00
CA ALA B 323 7.19 22.89 -25.84
C ALA B 323 7.31 23.15 -24.36
N ASN B 324 8.35 23.84 -23.92
CA ASN B 324 8.33 24.11 -22.50
C ASN B 324 7.81 25.50 -22.24
N ASN B 325 7.03 25.60 -21.17
CA ASN B 325 6.38 26.79 -20.70
C ASN B 325 7.17 27.33 -19.51
N LEU B 326 7.98 28.35 -19.75
CA LEU B 326 8.84 28.95 -18.72
C LEU B 326 8.19 29.70 -17.58
N THR B 327 6.92 30.01 -17.74
CA THR B 327 6.22 30.80 -16.74
C THR B 327 5.22 30.01 -15.88
N SER B 328 5.07 28.72 -16.14
CA SER B 328 4.14 27.89 -15.38
C SER B 328 4.72 27.43 -14.03
N THR B 329 3.84 27.11 -13.10
CA THR B 329 4.23 26.70 -11.75
C THR B 329 3.72 25.30 -11.34
N VAL B 330 4.31 24.78 -10.27
CA VAL B 330 3.85 23.54 -9.67
C VAL B 330 3.68 24.02 -8.25
N GLN B 331 2.70 23.45 -7.56
CA GLN B 331 2.46 23.78 -6.17
C GLN B 331 2.95 22.58 -5.36
N VAL B 332 3.50 22.84 -4.19
CA VAL B 332 4.03 21.80 -3.35
C VAL B 332 3.84 22.10 -1.91
N PHE B 333 3.42 21.12 -1.14
CA PHE B 333 3.34 21.33 0.31
C PHE B 333 3.46 20.01 1.02
N THR B 334 3.80 20.08 2.30
CA THR B 334 3.89 18.89 3.14
C THR B 334 2.84 19.02 4.24
N ASP B 335 2.09 17.95 4.46
CA ASP B 335 1.09 17.97 5.52
C ASP B 335 1.73 17.60 6.87
N ASP B 336 2.29 18.61 7.52
CA ASP B 336 3.00 18.48 8.79
C ASP B 336 2.21 18.24 10.08
N ASP B 337 0.91 18.48 10.05
CA ASP B 337 0.09 18.26 11.24
C ASP B 337 -0.78 17.04 11.10
N TYR B 338 -0.60 16.31 10.02
CA TYR B 338 -1.34 15.09 9.75
C TYR B 338 -2.83 15.33 9.78
N GLN B 339 -3.25 16.36 9.06
CA GLN B 339 -4.63 16.74 8.94
C GLN B 339 -5.33 16.06 7.79
N LEU B 340 -4.57 15.40 6.93
CA LEU B 340 -5.14 14.72 5.77
C LEU B 340 -5.03 13.25 5.89
N PRO B 341 -5.90 12.52 5.20
CA PRO B 341 -5.80 11.06 5.25
C PRO B 341 -4.39 10.64 4.75
N TYR B 342 -3.63 9.95 5.58
CA TYR B 342 -2.28 9.50 5.29
C TYR B 342 -2.37 8.18 4.55
N VAL B 343 -2.02 8.17 3.27
CA VAL B 343 -2.15 6.97 2.47
C VAL B 343 -0.82 6.26 2.18
N VAL B 344 0.29 6.90 2.57
CA VAL B 344 1.61 6.39 2.30
C VAL B 344 2.00 4.99 2.82
N GLY B 345 1.80 4.68 4.09
CA GLY B 345 2.24 3.36 4.52
C GLY B 345 1.26 2.21 4.41
N ASN B 346 0.72 1.96 3.22
CA ASN B 346 -0.25 0.89 3.08
C ASN B 346 0.05 -0.05 1.94
N GLY B 347 1.35 -0.25 1.71
CA GLY B 347 1.83 -1.15 0.68
C GLY B 347 1.40 -0.85 -0.73
N THR B 348 1.22 0.43 -1.06
CA THR B 348 0.81 0.82 -2.42
C THR B 348 1.98 1.27 -3.28
N GLU B 349 1.79 1.22 -4.60
CA GLU B 349 2.80 1.64 -5.56
C GLU B 349 3.11 3.12 -5.71
N GLY B 350 4.10 3.41 -6.55
CA GLY B 350 4.50 4.76 -6.82
C GLY B 350 5.64 5.32 -6.03
N CYS B 351 6.47 4.46 -5.43
CA CYS B 351 7.63 4.94 -4.68
C CYS B 351 8.80 5.21 -5.63
N LEU B 352 9.82 5.90 -5.11
CA LEU B 352 11.02 6.16 -5.86
C LEU B 352 11.47 4.78 -6.32
N PRO B 353 11.89 4.62 -7.58
CA PRO B 353 12.31 3.29 -8.02
C PRO B 353 13.58 2.70 -7.35
N ALA B 354 13.72 1.38 -7.43
CA ALA B 354 14.88 0.69 -6.87
C ALA B 354 16.18 1.16 -7.54
N PHE B 355 16.18 1.07 -8.86
CA PHE B 355 17.30 1.46 -9.71
C PHE B 355 17.36 2.99 -10.01
N PRO B 356 18.45 3.70 -9.64
CA PRO B 356 18.57 5.15 -9.86
C PRO B 356 18.34 5.83 -11.22
N PRO B 357 18.58 5.12 -12.33
CA PRO B 357 18.36 5.74 -13.64
C PRO B 357 16.91 5.72 -14.05
N GLN B 358 16.06 5.02 -13.31
CA GLN B 358 14.67 4.95 -13.72
C GLN B 358 13.88 6.22 -13.46
N VAL B 359 13.01 6.52 -14.40
CA VAL B 359 12.18 7.70 -14.28
C VAL B 359 10.81 7.26 -13.86
N PHE B 360 10.27 7.91 -12.85
CA PHE B 360 8.94 7.50 -12.46
C PHE B 360 7.84 8.57 -12.51
N THR B 361 6.61 8.09 -12.63
CA THR B 361 5.39 8.88 -12.62
C THR B 361 4.91 9.01 -11.16
N LEU B 362 4.57 10.19 -10.69
CA LEU B 362 4.06 10.30 -9.31
C LEU B 362 2.62 9.81 -9.32
N PRO B 363 2.21 9.10 -8.25
CA PRO B 363 0.83 8.61 -8.20
C PRO B 363 -0.15 9.70 -7.80
N GLN B 364 -1.41 9.50 -8.14
CA GLN B 364 -2.47 10.44 -7.79
C GLN B 364 -2.99 10.26 -6.37
N TYR B 365 -3.08 11.33 -5.62
CA TYR B 365 -3.64 11.28 -4.29
C TYR B 365 -5.16 11.11 -4.30
N GLY B 366 -5.65 10.20 -3.48
CA GLY B 366 -7.05 9.91 -3.40
C GLY B 366 -7.21 9.34 -2.03
N TYR B 367 -8.45 9.20 -1.55
CA TYR B 367 -8.71 8.64 -0.23
C TYR B 367 -10.12 8.20 -0.10
N ALA B 368 -10.37 7.26 0.79
CA ALA B 368 -11.73 6.78 1.02
C ALA B 368 -12.17 7.39 2.34
N THR B 369 -13.44 7.72 2.45
CA THR B 369 -13.86 8.25 3.73
C THR B 369 -14.93 7.27 4.20
N LEU B 370 -16.03 7.71 4.79
CA LEU B 370 -16.97 6.71 5.25
C LEU B 370 -18.06 6.42 4.28
N ASN B 371 -18.37 5.15 4.07
CA ASN B 371 -19.49 4.85 3.18
C ASN B 371 -20.60 4.35 4.08
N ARG B 372 -21.82 4.41 3.59
CA ARG B 372 -22.94 4.01 4.40
C ARG B 372 -23.44 2.62 4.12
N ASP B 373 -23.39 1.76 5.15
CA ASP B 373 -23.87 0.37 5.14
C ASP B 373 -23.30 -0.57 4.08
N ASN B 374 -22.00 -0.46 3.84
CA ASN B 374 -21.32 -1.28 2.85
C ASN B 374 -21.91 -1.05 1.44
N THR B 375 -22.23 0.21 1.14
CA THR B 375 -22.72 0.62 -0.17
C THR B 375 -21.85 1.79 -0.64
N GLU B 376 -22.11 2.29 -1.83
CA GLU B 376 -21.32 3.40 -2.38
C GLU B 376 -21.67 4.78 -1.80
N ASN B 377 -22.78 4.89 -1.08
CA ASN B 377 -23.22 6.14 -0.51
C ASN B 377 -22.47 6.68 0.68
N PRO B 378 -22.37 8.02 0.77
CA PRO B 378 -21.66 8.62 1.91
C PRO B 378 -22.58 8.63 3.16
N THR B 379 -22.03 9.07 4.27
CA THR B 379 -22.79 9.17 5.52
C THR B 379 -22.66 10.66 5.92
N GLU B 380 -23.44 11.11 6.90
CA GLU B 380 -23.31 12.52 7.29
C GLU B 380 -21.96 12.81 7.95
N ARG B 381 -21.17 11.77 8.19
CA ARG B 381 -19.84 11.92 8.78
C ARG B 381 -18.69 11.89 7.76
N SER B 382 -18.97 11.52 6.51
CA SER B 382 -17.98 11.49 5.43
C SER B 382 -17.39 12.86 5.24
N SER B 383 -16.08 12.96 5.18
CA SER B 383 -15.50 14.26 5.01
C SER B 383 -14.83 14.54 3.67
N PHE B 384 -14.82 15.81 3.33
CA PHE B 384 -14.16 16.22 2.13
C PHE B 384 -12.98 17.08 2.57
N PHE B 385 -11.83 16.83 1.98
CA PHE B 385 -10.66 17.62 2.29
C PHE B 385 -10.26 18.24 0.97
N CYS B 386 -10.16 19.55 0.98
CA CYS B 386 -9.75 20.29 -0.21
C CYS B 386 -8.27 20.53 0.05
N LEU B 387 -7.39 20.06 -0.83
CA LEU B 387 -5.96 20.27 -0.58
C LEU B 387 -5.47 21.64 -0.90
N GLU B 388 -6.23 22.42 -1.69
CA GLU B 388 -5.83 23.79 -2.01
C GLU B 388 -6.11 24.67 -0.82
N TYR B 389 -6.60 24.06 0.23
CA TYR B 389 -6.90 24.80 1.42
C TYR B 389 -5.74 24.79 2.41
N PHE B 390 -4.57 24.36 1.96
CA PHE B 390 -3.37 24.38 2.79
C PHE B 390 -2.48 25.37 2.12
N PRO B 391 -1.50 25.89 2.83
CA PRO B 391 -0.56 26.87 2.25
C PRO B 391 0.48 26.08 1.43
N SER B 392 0.74 26.44 0.19
CA SER B 392 1.77 25.73 -0.55
C SER B 392 2.76 26.65 -1.23
N LYS B 393 3.89 26.13 -1.68
CA LYS B 393 4.87 26.98 -2.37
C LYS B 393 4.58 26.85 -3.83
N MET B 394 4.92 27.87 -4.59
CA MET B 394 4.76 27.79 -6.02
C MET B 394 6.16 27.84 -6.59
N LEU B 395 6.41 26.97 -7.54
CA LEU B 395 7.72 26.94 -8.11
C LEU B 395 7.71 27.10 -9.60
N ARG B 396 8.51 28.05 -10.05
CA ARG B 396 8.68 28.20 -11.47
C ARG B 396 9.99 27.43 -11.78
N THR B 397 10.31 27.29 -13.05
CA THR B 397 11.51 26.58 -13.48
C THR B 397 12.85 26.90 -12.77
N GLY B 398 12.95 28.03 -12.08
CA GLY B 398 14.20 28.33 -11.39
C GLY B 398 14.18 28.06 -9.90
N ASN B 399 13.01 27.65 -9.40
CA ASN B 399 12.80 27.41 -7.98
C ASN B 399 13.02 25.99 -7.49
N ASN B 400 13.19 25.86 -6.19
CA ASN B 400 13.32 24.55 -5.57
C ASN B 400 12.67 24.53 -4.18
N PHE B 401 12.31 23.34 -3.72
CA PHE B 401 11.66 23.13 -2.44
C PHE B 401 12.50 22.23 -1.57
N GLU B 402 12.60 22.56 -0.30
CA GLU B 402 13.42 21.77 0.62
C GLU B 402 12.63 21.49 1.90
N PHE B 403 12.84 20.34 2.50
CA PHE B 403 12.08 19.94 3.68
C PHE B 403 12.84 18.98 4.61
N THR B 404 12.93 19.23 5.91
CA THR B 404 13.61 18.30 6.83
C THR B 404 12.67 17.69 7.88
N TYR B 405 13.03 16.54 8.40
CA TYR B 405 12.23 15.82 9.38
C TYR B 405 13.09 14.94 10.31
N ASN B 406 12.73 14.82 11.57
CA ASN B 406 13.44 13.96 12.51
C ASN B 406 12.49 12.90 12.98
N PHE B 407 12.92 11.66 12.96
CA PHE B 407 12.06 10.61 13.44
C PHE B 407 12.05 10.65 14.95
N GLU B 408 10.96 10.14 15.52
CA GLU B 408 10.76 10.06 16.97
C GLU B 408 11.49 8.80 17.42
N GLU B 409 12.10 8.81 18.59
CA GLU B 409 12.79 7.61 19.07
C GLU B 409 11.94 6.31 18.96
N VAL B 410 12.40 5.40 18.11
CA VAL B 410 11.74 4.10 17.87
C VAL B 410 12.70 2.97 18.27
N PRO B 411 12.18 1.76 18.48
CA PRO B 411 13.08 0.65 18.85
C PRO B 411 13.85 0.17 17.59
N PHE B 412 15.07 -0.29 17.77
CA PHE B 412 15.84 -0.82 16.65
C PHE B 412 15.10 -2.02 16.07
N HIS B 413 15.21 -2.20 14.77
CA HIS B 413 14.65 -3.37 14.18
C HIS B 413 15.59 -4.49 14.65
N SER B 414 15.12 -5.73 14.80
CA SER B 414 16.05 -6.77 15.25
C SER B 414 16.48 -7.62 14.08
N SER B 415 17.66 -7.31 13.55
CA SER B 415 18.19 -8.05 12.41
C SER B 415 19.10 -9.21 12.76
N PHE B 416 18.60 -10.09 13.60
CA PHE B 416 19.33 -11.26 14.00
C PHE B 416 18.30 -12.32 14.21
N ALA B 417 18.75 -13.56 14.14
CA ALA B 417 17.91 -14.71 14.32
C ALA B 417 18.35 -15.30 15.67
N PRO B 418 17.43 -15.96 16.39
CA PRO B 418 17.74 -16.56 17.70
C PRO B 418 18.53 -17.87 17.51
N SER B 419 19.59 -18.00 18.30
CA SER B 419 20.47 -19.16 18.24
C SER B 419 20.01 -20.30 19.17
N GLN B 420 18.92 -20.06 19.90
CA GLN B 420 18.36 -21.04 20.84
C GLN B 420 16.86 -21.06 20.66
N ASN B 421 16.25 -22.17 21.06
CA ASN B 421 14.83 -22.38 21.01
C ASN B 421 14.31 -21.90 22.39
N LEU B 422 13.20 -21.18 22.41
CA LEU B 422 12.63 -20.63 23.64
C LEU B 422 12.24 -21.68 24.70
N PHE B 423 11.86 -22.86 24.27
CA PHE B 423 11.51 -23.88 25.21
C PHE B 423 12.66 -24.73 25.61
N LYS B 424 13.86 -24.36 25.22
CA LYS B 424 14.93 -25.17 25.67
C LYS B 424 16.16 -24.39 26.05
N LEU B 425 15.89 -23.52 27.03
CA LEU B 425 16.82 -22.60 27.64
C LEU B 425 17.50 -23.15 28.91
N ALA B 426 16.95 -24.21 29.48
CA ALA B 426 17.53 -24.86 30.64
C ALA B 426 18.85 -25.50 30.20
N ASN B 427 19.75 -25.72 31.15
CA ASN B 427 21.07 -26.35 30.95
C ASN B 427 20.76 -27.86 30.80
N PRO B 428 21.12 -28.48 29.65
CA PRO B 428 20.86 -29.91 29.42
C PRO B 428 21.64 -30.88 30.29
N LEU B 429 22.45 -30.35 31.18
CA LEU B 429 23.27 -31.17 32.07
C LEU B 429 22.76 -31.28 33.50
N VAL B 430 21.95 -30.31 33.91
CA VAL B 430 21.40 -30.29 35.23
C VAL B 430 19.91 -30.58 35.24
N ASP B 431 19.42 -31.25 36.28
CA ASP B 431 17.99 -31.51 36.40
C ASP B 431 17.33 -30.29 37.06
N GLN B 432 16.01 -30.22 37.00
CA GLN B 432 15.30 -29.13 37.65
C GLN B 432 15.01 -29.53 39.10
N TYR B 433 14.91 -28.56 39.99
CA TYR B 433 14.58 -28.91 41.37
C TYR B 433 13.04 -28.91 41.57
N LEU B 434 12.31 -28.83 40.46
CA LEU B 434 10.85 -28.82 40.36
C LEU B 434 10.38 -30.20 39.92
N TYR B 435 9.18 -30.60 40.30
CA TYR B 435 8.67 -31.94 39.95
C TYR B 435 7.43 -31.80 39.14
N ARG B 436 6.93 -32.91 38.64
CA ARG B 436 5.73 -32.83 37.84
C ARG B 436 4.80 -34.02 38.05
N PHE B 437 3.52 -33.74 37.98
CA PHE B 437 2.47 -34.72 38.13
C PHE B 437 2.59 -35.68 36.95
N VAL B 438 2.69 -36.97 37.19
CA VAL B 438 2.82 -37.88 36.06
C VAL B 438 1.76 -38.95 35.94
N SER B 439 0.91 -39.10 36.95
CA SER B 439 -0.13 -40.13 36.90
C SER B 439 -0.79 -40.35 38.25
N THR B 440 -1.69 -41.32 38.30
CA THR B 440 -2.38 -41.69 39.54
C THR B 440 -2.23 -43.19 39.64
N ASN B 441 -2.17 -43.72 40.86
CA ASN B 441 -2.04 -45.17 41.03
C ASN B 441 -3.42 -45.83 40.97
N ASN B 442 -3.46 -47.16 41.04
CA ASN B 442 -4.72 -47.90 40.96
C ASN B 442 -5.85 -47.43 41.92
N THR B 443 -5.51 -46.56 42.87
CA THR B 443 -6.46 -46.02 43.86
C THR B 443 -6.83 -44.55 43.58
N GLY B 444 -6.07 -43.90 42.69
CA GLY B 444 -6.35 -42.51 42.36
C GLY B 444 -5.41 -41.52 43.02
N GLY B 445 -4.46 -42.00 43.83
CA GLY B 445 -3.51 -41.09 44.48
C GLY B 445 -2.50 -40.55 43.49
N VAL B 446 -2.19 -39.26 43.57
CA VAL B 446 -1.25 -38.68 42.62
C VAL B 446 0.26 -38.97 42.85
N GLN B 447 0.97 -39.13 41.73
CA GLN B 447 2.40 -39.46 41.72
C GLN B 447 3.23 -38.44 40.97
N PHE B 448 4.44 -38.18 41.43
CA PHE B 448 5.28 -37.20 40.77
C PHE B 448 6.59 -37.83 40.32
N ASN B 449 7.31 -37.10 39.48
CA ASN B 449 8.58 -37.51 38.91
C ASN B 449 9.37 -36.24 38.80
N LYS B 450 10.67 -36.34 39.00
CA LYS B 450 11.54 -35.19 38.90
C LYS B 450 11.78 -34.81 37.45
N ASN B 451 11.88 -33.52 37.16
CA ASN B 451 12.16 -33.11 35.80
C ASN B 451 13.65 -33.30 35.54
N LEU B 452 13.98 -34.31 34.73
CA LEU B 452 15.36 -34.62 34.41
C LEU B 452 16.08 -33.64 33.50
N ALA B 453 17.39 -33.83 33.38
CA ALA B 453 18.27 -33.00 32.58
C ALA B 453 18.05 -33.23 31.08
N GLY B 454 17.77 -32.11 30.38
CA GLY B 454 17.55 -32.14 28.94
C GLY B 454 16.23 -32.70 28.42
N ARG B 455 15.26 -32.95 29.30
CA ARG B 455 13.96 -33.47 28.88
C ARG B 455 13.06 -32.27 28.73
N TYR B 456 13.32 -31.51 27.67
CA TYR B 456 12.63 -30.29 27.38
C TYR B 456 11.13 -30.40 27.18
N ALA B 457 10.65 -31.59 26.86
CA ALA B 457 9.22 -31.80 26.69
C ALA B 457 8.47 -31.65 28.03
N ASN B 458 9.19 -31.59 29.15
CA ASN B 458 8.60 -31.53 30.49
C ASN B 458 9.08 -30.45 31.40
N THR B 459 10.20 -29.83 31.12
CA THR B 459 10.63 -28.81 32.06
C THR B 459 9.60 -27.73 32.34
N TYR B 460 9.83 -26.95 33.38
CA TYR B 460 8.97 -25.86 33.73
C TYR B 460 9.53 -24.78 32.90
N LYS B 461 8.64 -23.92 32.38
CA LYS B 461 9.04 -22.83 31.48
C LYS B 461 8.79 -21.50 32.13
N ASN B 462 9.52 -20.47 31.76
CA ASN B 462 9.25 -19.15 32.30
C ASN B 462 8.53 -18.27 31.29
N TRP B 463 8.81 -18.52 30.01
CA TRP B 463 8.30 -17.71 28.91
C TRP B 463 7.58 -18.47 27.89
N PHE B 464 6.67 -17.77 27.22
CA PHE B 464 5.82 -18.39 26.21
C PHE B 464 5.95 -17.76 24.84
N PRO B 465 5.67 -18.53 23.80
CA PRO B 465 5.73 -18.09 22.40
C PRO B 465 4.65 -17.04 22.16
N GLY B 466 4.84 -16.24 21.13
CA GLY B 466 3.85 -15.20 20.83
C GLY B 466 2.50 -15.72 20.33
N PRO B 467 1.54 -14.81 20.16
CA PRO B 467 0.18 -15.09 19.71
C PRO B 467 0.11 -15.70 18.33
N MET B 468 -0.86 -16.57 18.12
CA MET B 468 -1.03 -17.21 16.84
C MET B 468 -2.50 -17.40 16.43
N GLY B 469 -2.76 -17.33 15.14
CA GLY B 469 -4.09 -17.57 14.61
C GLY B 469 -3.83 -18.46 13.43
N ARG B 470 -4.29 -19.70 13.48
CA ARG B 470 -4.03 -20.62 12.39
C ARG B 470 -4.45 -20.16 10.99
N THR B 471 -3.51 -20.28 10.07
CA THR B 471 -3.65 -19.90 8.66
C THR B 471 -3.53 -21.21 7.87
N GLN B 472 -3.99 -21.27 6.63
CA GLN B 472 -3.88 -22.51 5.87
C GLN B 472 -2.49 -22.64 5.21
N GLY B 473 -1.96 -23.87 5.16
CA GLY B 473 -0.64 -24.10 4.57
C GLY B 473 -0.71 -24.76 3.21
N TRP B 474 0.05 -24.20 2.27
CA TRP B 474 0.11 -24.68 0.89
C TRP B 474 1.54 -25.01 0.51
N ASN B 475 1.70 -25.96 -0.39
CA ASN B 475 3.02 -26.38 -0.83
C ASN B 475 3.52 -25.71 -2.11
N LEU B 476 4.72 -25.14 -2.04
CA LEU B 476 5.32 -24.52 -3.21
C LEU B 476 6.21 -25.58 -3.85
N GLY B 477 6.48 -25.42 -5.15
CA GLY B 477 7.32 -26.36 -5.89
C GLY B 477 6.79 -27.79 -5.83
N SER B 478 7.64 -28.69 -5.31
CA SER B 478 7.27 -30.09 -5.13
C SER B 478 6.34 -30.10 -3.88
N GLY B 479 5.33 -30.96 -3.89
CA GLY B 479 4.42 -30.99 -2.76
C GLY B 479 3.04 -30.75 -3.32
N VAL B 480 2.22 -31.80 -3.23
CA VAL B 480 0.86 -31.78 -3.71
C VAL B 480 -0.10 -30.96 -2.84
N ASN B 481 -0.98 -30.21 -3.51
CA ASN B 481 -2.00 -29.41 -2.86
C ASN B 481 -3.32 -29.94 -3.40
N ARG B 482 -4.41 -29.49 -2.78
CA ARG B 482 -5.75 -29.84 -3.22
C ARG B 482 -5.90 -29.18 -4.59
N ALA B 483 -6.39 -29.91 -5.59
CA ALA B 483 -6.54 -29.36 -6.93
C ALA B 483 -7.80 -28.51 -7.09
N SER B 484 -7.74 -27.53 -8.00
CA SER B 484 -8.86 -26.63 -8.32
C SER B 484 -9.56 -26.00 -7.12
N VAL B 485 -8.80 -25.23 -6.34
CA VAL B 485 -9.31 -24.57 -5.16
C VAL B 485 -9.54 -23.09 -5.46
N SER B 486 -10.36 -22.42 -4.64
CA SER B 486 -10.63 -21.00 -4.78
C SER B 486 -10.42 -20.40 -3.38
N ALA B 487 -9.18 -20.05 -3.09
CA ALA B 487 -8.79 -19.50 -1.79
C ALA B 487 -9.83 -18.66 -1.04
N PHE B 488 -10.21 -17.51 -1.59
CA PHE B 488 -11.16 -16.60 -0.92
C PHE B 488 -12.18 -17.16 0.09
N ALA B 489 -13.03 -18.08 -0.36
CA ALA B 489 -14.07 -18.69 0.46
C ALA B 489 -13.64 -19.25 1.83
N THR B 490 -12.36 -19.57 1.97
CA THR B 490 -11.84 -20.15 3.21
C THR B 490 -10.62 -19.46 3.82
N THR B 491 -10.40 -18.20 3.47
CA THR B 491 -9.28 -17.48 4.03
C THR B 491 -9.66 -16.90 5.39
N ASN B 492 -8.67 -16.45 6.14
CA ASN B 492 -8.88 -15.86 7.45
C ASN B 492 -9.51 -14.48 7.27
N ARG B 493 -10.55 -14.17 8.04
CA ARG B 493 -11.26 -12.89 7.93
C ARG B 493 -11.48 -12.22 9.24
N MET B 494 -11.76 -10.92 9.18
CA MET B 494 -12.11 -10.15 10.36
C MET B 494 -13.31 -9.36 9.90
N GLU B 495 -14.31 -9.21 10.76
CA GLU B 495 -15.50 -8.44 10.42
C GLU B 495 -15.31 -7.01 10.88
N LEU B 496 -15.85 -6.06 10.13
CA LEU B 496 -15.76 -4.68 10.55
C LEU B 496 -16.93 -3.98 9.87
N GLU B 497 -17.79 -3.36 10.68
CA GLU B 497 -18.96 -2.64 10.19
C GLU B 497 -19.91 -3.50 9.36
N GLY B 498 -19.97 -4.80 9.63
CA GLY B 498 -20.89 -5.66 8.89
C GLY B 498 -20.33 -6.35 7.64
N ALA B 499 -19.05 -6.11 7.34
CA ALA B 499 -18.42 -6.71 6.15
C ALA B 499 -17.25 -7.64 6.57
N SER B 500 -16.88 -8.57 5.68
CA SER B 500 -15.80 -9.54 5.92
C SER B 500 -14.52 -9.24 5.09
N TYR B 501 -13.44 -8.92 5.78
CA TYR B 501 -12.17 -8.58 5.13
C TYR B 501 -11.06 -9.60 5.28
N GLN B 502 -10.27 -9.84 4.24
CA GLN B 502 -9.12 -10.72 4.38
C GLN B 502 -8.09 -9.87 5.12
N VAL B 503 -7.26 -10.48 5.95
CA VAL B 503 -6.32 -9.68 6.72
C VAL B 503 -4.85 -10.01 6.61
N PRO B 504 -4.33 -10.24 5.38
CA PRO B 504 -2.91 -10.55 5.29
C PRO B 504 -2.14 -9.30 5.71
N PRO B 505 -0.93 -9.47 6.25
CA PRO B 505 -0.34 -10.79 6.44
C PRO B 505 -0.63 -11.47 7.77
N GLN B 506 -1.76 -11.15 8.42
CA GLN B 506 -2.12 -11.72 9.74
C GLN B 506 -1.28 -10.89 10.70
N PRO B 507 -1.61 -10.93 12.02
CA PRO B 507 -0.85 -10.16 13.01
C PRO B 507 0.52 -10.79 13.33
N ASN B 508 1.48 -9.98 13.80
CA ASN B 508 2.81 -10.47 14.16
C ASN B 508 2.82 -11.58 15.23
N GLY B 509 3.91 -12.35 15.27
CA GLY B 509 4.02 -13.42 16.25
C GLY B 509 3.98 -14.83 15.73
N MET B 510 3.91 -15.02 14.41
CA MET B 510 3.93 -16.38 13.84
C MET B 510 5.05 -16.52 12.83
N THR B 511 5.24 -17.73 12.32
CA THR B 511 6.24 -17.99 11.30
C THR B 511 5.43 -18.68 10.21
N ASN B 512 5.61 -18.26 8.96
CA ASN B 512 4.83 -18.79 7.82
C ASN B 512 5.43 -20.01 7.17
N ASN B 513 6.63 -20.35 7.61
CA ASN B 513 7.35 -21.44 7.01
C ASN B 513 8.24 -22.09 8.06
N LEU B 514 8.41 -23.40 7.92
CA LEU B 514 9.28 -24.16 8.80
C LEU B 514 10.52 -24.49 7.97
N GLN B 515 11.67 -23.98 8.40
CA GLN B 515 12.96 -24.17 7.71
C GLN B 515 13.16 -25.58 7.11
N GLY B 516 13.54 -25.60 5.83
CA GLY B 516 13.76 -26.86 5.12
C GLY B 516 12.48 -27.57 4.72
N SER B 517 11.39 -26.82 4.60
CA SER B 517 10.08 -27.36 4.23
C SER B 517 9.50 -26.48 3.12
N ASN B 518 8.61 -27.04 2.30
CA ASN B 518 8.03 -26.25 1.23
C ASN B 518 6.56 -25.87 1.49
N THR B 519 6.11 -26.04 2.72
CA THR B 519 4.75 -25.69 3.11
C THR B 519 4.78 -24.25 3.60
N TYR B 520 3.93 -23.42 2.99
CA TYR B 520 3.84 -22.02 3.38
C TYR B 520 2.43 -21.66 3.78
N ALA B 521 2.32 -20.88 4.85
CA ALA B 521 1.05 -20.35 5.30
C ALA B 521 1.05 -19.07 4.45
N LEU B 522 0.58 -19.20 3.21
CA LEU B 522 0.57 -18.12 2.23
C LEU B 522 -0.05 -16.77 2.63
N GLU B 523 -1.03 -16.78 3.53
CA GLU B 523 -1.63 -15.52 3.95
C GLU B 523 -0.94 -14.90 5.14
N ASN B 524 0.13 -15.52 5.60
CA ASN B 524 0.90 -14.96 6.69
C ASN B 524 2.22 -14.47 6.08
N THR B 525 2.25 -14.55 4.75
CA THR B 525 3.39 -14.20 3.89
C THR B 525 3.30 -12.89 3.07
N MET B 526 4.44 -12.19 2.94
CA MET B 526 4.55 -10.99 2.07
C MET B 526 4.94 -11.55 0.68
N ILE B 527 4.12 -11.32 -0.33
CA ILE B 527 4.44 -11.82 -1.65
C ILE B 527 4.67 -10.65 -2.63
N PHE B 528 5.89 -10.52 -3.14
CA PHE B 528 6.22 -9.47 -4.09
C PHE B 528 6.35 -10.07 -5.46
N ASN B 529 6.39 -9.21 -6.46
CA ASN B 529 6.57 -9.66 -7.83
C ASN B 529 8.03 -9.38 -8.14
N SER B 530 8.62 -10.22 -8.99
CA SER B 530 10.03 -10.04 -9.37
C SER B 530 10.25 -8.75 -10.14
N GLN B 531 9.19 -8.20 -10.72
CA GLN B 531 9.25 -6.96 -11.50
C GLN B 531 8.01 -6.10 -11.26
N PRO B 532 8.03 -4.84 -11.73
CA PRO B 532 6.85 -3.98 -11.56
C PRO B 532 5.78 -4.34 -12.59
N ALA B 533 4.51 -4.23 -12.21
CA ALA B 533 3.41 -4.56 -13.13
C ALA B 533 2.61 -3.34 -13.57
N ASN B 534 1.81 -3.52 -14.63
CA ASN B 534 0.99 -2.43 -15.15
C ASN B 534 -0.23 -2.25 -14.24
N PRO B 535 -0.86 -1.07 -14.29
CA PRO B 535 -2.03 -0.86 -13.42
C PRO B 535 -3.24 -1.74 -13.79
N GLY B 536 -3.88 -2.27 -12.76
CA GLY B 536 -5.06 -3.11 -12.95
C GLY B 536 -4.92 -4.43 -13.72
N THR B 537 -3.79 -5.10 -13.60
CA THR B 537 -3.58 -6.39 -14.28
C THR B 537 -4.37 -7.49 -13.57
N THR B 538 -5.01 -8.35 -14.35
CA THR B 538 -5.78 -9.46 -13.78
C THR B 538 -5.19 -10.83 -14.16
N ALA B 539 -3.90 -10.83 -14.51
CA ALA B 539 -3.17 -12.03 -14.90
C ALA B 539 -3.00 -12.98 -13.71
N THR B 540 -2.91 -14.27 -14.00
CA THR B 540 -2.73 -15.29 -12.98
C THR B 540 -1.25 -15.71 -12.91
N TYR B 541 -0.52 -15.08 -12.00
CA TYR B 541 0.88 -15.36 -11.82
C TYR B 541 1.11 -16.70 -11.15
N LEU B 542 2.26 -17.32 -11.43
CA LEU B 542 2.58 -18.59 -10.83
C LEU B 542 3.80 -18.38 -9.97
N GLU B 543 4.10 -19.37 -9.15
CA GLU B 543 5.22 -19.32 -8.23
C GLU B 543 6.53 -18.83 -8.90
N GLY B 544 6.72 -19.20 -10.18
CA GLY B 544 7.90 -18.79 -10.93
C GLY B 544 8.09 -17.28 -11.09
N ASN B 545 7.01 -16.51 -10.99
CA ASN B 545 7.04 -15.06 -11.12
C ASN B 545 7.20 -14.31 -9.81
N MET B 546 7.03 -15.01 -8.69
CA MET B 546 7.04 -14.33 -7.39
C MET B 546 8.28 -14.34 -6.55
N LEU B 547 8.28 -13.43 -5.58
CA LEU B 547 9.35 -13.36 -4.59
C LEU B 547 8.61 -13.59 -3.28
N ILE B 548 8.47 -14.85 -2.92
CA ILE B 548 7.80 -15.28 -1.70
C ILE B 548 8.73 -15.24 -0.47
N THR B 549 8.44 -14.38 0.49
CA THR B 549 9.30 -14.29 1.68
C THR B 549 9.04 -15.42 2.70
N SER B 550 10.06 -15.72 3.50
CA SER B 550 9.97 -16.77 4.51
C SER B 550 10.50 -16.24 5.85
N GLU B 551 9.77 -16.52 6.91
CA GLU B 551 10.16 -16.07 8.23
C GLU B 551 10.68 -17.26 9.05
N SER B 552 11.19 -18.29 8.38
CA SER B 552 11.70 -19.47 9.05
C SER B 552 12.79 -19.22 10.10
N GLU B 553 13.43 -18.07 10.09
CA GLU B 553 14.47 -17.88 11.08
C GLU B 553 13.94 -17.33 12.41
N THR B 554 12.64 -17.39 12.59
CA THR B 554 12.00 -16.95 13.82
C THR B 554 11.31 -18.16 14.41
N GLN B 555 11.39 -19.30 13.74
CA GLN B 555 10.74 -20.48 14.26
C GLN B 555 11.10 -20.90 15.70
N PRO B 556 12.31 -20.55 16.20
CA PRO B 556 12.69 -20.93 17.58
C PRO B 556 11.90 -20.14 18.62
N VAL B 557 11.15 -19.14 18.18
CA VAL B 557 10.38 -18.29 19.08
C VAL B 557 8.92 -18.07 18.68
N ASN B 558 8.61 -18.12 17.38
CA ASN B 558 7.26 -17.87 16.85
C ASN B 558 6.54 -19.13 16.45
N ARG B 559 5.30 -19.31 16.84
CA ARG B 559 4.60 -20.52 16.45
C ARG B 559 4.37 -20.61 14.93
N VAL B 560 4.28 -21.84 14.44
CA VAL B 560 4.05 -22.10 13.04
C VAL B 560 2.57 -21.85 12.70
N ALA B 561 2.33 -20.94 11.75
CA ALA B 561 0.97 -20.58 11.37
C ALA B 561 0.01 -21.66 10.86
N TYR B 562 0.48 -22.70 10.18
CA TYR B 562 -0.46 -23.72 9.71
C TYR B 562 -0.73 -24.90 10.64
N ASN B 563 -0.12 -24.87 11.83
CA ASN B 563 -0.31 -25.94 12.83
C ASN B 563 -1.19 -25.45 13.99
N VAL B 564 -1.79 -26.37 14.75
CA VAL B 564 -2.59 -25.98 15.93
C VAL B 564 -1.61 -25.27 16.91
N GLY B 565 -2.13 -24.43 17.80
CA GLY B 565 -1.22 -23.74 18.71
C GLY B 565 -0.87 -24.45 20.00
N GLY B 566 -1.62 -25.50 20.31
CA GLY B 566 -1.43 -26.26 21.52
C GLY B 566 -2.75 -26.90 21.87
N GLN B 567 -2.90 -27.30 23.12
CA GLN B 567 -4.15 -27.91 23.60
C GLN B 567 -4.40 -27.60 25.07
N MET B 568 -5.57 -27.99 25.55
CA MET B 568 -5.91 -27.82 26.96
C MET B 568 -7.16 -28.51 27.47
N ALA B 569 -7.23 -28.63 28.80
CA ALA B 569 -8.32 -29.29 29.50
C ALA B 569 -9.72 -28.88 29.04
N THR B 570 -10.56 -29.87 28.79
CA THR B 570 -11.92 -29.62 28.36
C THR B 570 -12.96 -30.04 29.39
N ASN B 571 -12.57 -30.89 30.33
CA ASN B 571 -13.51 -31.34 31.35
C ASN B 571 -12.87 -31.40 32.73
N ASN B 572 -13.57 -32.08 33.64
CA ASN B 572 -13.14 -32.29 35.02
C ASN B 572 -13.15 -33.80 35.22
N GLN B 573 -11.98 -34.37 35.46
CA GLN B 573 -11.86 -35.81 35.69
C GLN B 573 -12.39 -36.16 37.07
N SER B 574 -12.90 -37.38 37.20
CA SER B 574 -13.43 -37.88 38.45
C SER B 574 -13.26 -39.38 38.35
N SER B 575 -13.65 -40.14 39.37
CA SER B 575 -13.50 -41.59 39.31
C SER B 575 -14.21 -42.16 38.08
N THR B 576 -15.22 -41.45 37.60
CA THR B 576 -16.03 -41.88 36.46
C THR B 576 -15.63 -41.33 35.07
N THR B 577 -15.04 -40.14 35.00
CA THR B 577 -14.63 -39.56 33.70
C THR B 577 -13.10 -39.42 33.56
N ALA B 578 -12.59 -39.76 32.38
CA ALA B 578 -11.15 -39.66 32.10
C ALA B 578 -10.82 -38.25 31.64
N PRO B 579 -9.63 -37.73 32.01
CA PRO B 579 -9.26 -36.38 31.59
C PRO B 579 -9.31 -36.26 30.06
N ALA B 580 -9.92 -35.20 29.56
CA ALA B 580 -10.02 -35.00 28.13
C ALA B 580 -9.39 -33.64 27.80
N THR B 581 -8.86 -33.52 26.60
CA THR B 581 -8.22 -32.28 26.17
C THR B 581 -8.68 -31.92 24.76
N GLY B 582 -8.54 -30.65 24.42
CA GLY B 582 -8.93 -30.18 23.11
C GLY B 582 -7.96 -29.12 22.63
N THR B 583 -7.55 -29.24 21.37
CA THR B 583 -6.63 -28.31 20.74
C THR B 583 -7.30 -26.99 20.38
N TYR B 584 -6.48 -25.96 20.24
CA TYR B 584 -7.01 -24.67 19.86
C TYR B 584 -6.34 -24.15 18.59
N ASN B 585 -7.04 -23.29 17.85
CA ASN B 585 -6.52 -22.74 16.60
C ASN B 585 -6.07 -21.30 16.72
N LEU B 586 -6.46 -20.64 17.79
CA LEU B 586 -6.02 -19.29 17.96
C LEU B 586 -5.76 -19.05 19.41
N GLN B 587 -4.79 -18.19 19.65
CA GLN B 587 -4.45 -17.83 20.99
C GLN B 587 -3.79 -16.49 20.92
N GLU B 588 -4.32 -15.56 21.70
CA GLU B 588 -3.79 -14.22 21.71
C GLU B 588 -2.68 -14.03 22.77
N ILE B 589 -2.41 -12.80 23.12
CA ILE B 589 -1.38 -12.46 24.10
C ILE B 589 -1.66 -12.97 25.53
N VAL B 590 -0.63 -13.43 26.24
CA VAL B 590 -0.75 -13.88 27.64
C VAL B 590 0.41 -13.20 28.34
N PRO B 591 0.42 -13.15 29.66
CA PRO B 591 1.62 -12.46 30.21
C PRO B 591 2.88 -13.34 30.14
N GLY B 592 4.03 -12.71 29.92
CA GLY B 592 5.28 -13.44 29.81
C GLY B 592 5.37 -14.15 28.47
N SER B 593 4.86 -13.48 27.44
CA SER B 593 4.81 -13.92 26.03
C SER B 593 5.97 -13.19 25.32
N VAL B 594 6.62 -13.85 24.37
CA VAL B 594 7.70 -13.22 23.61
C VAL B 594 7.56 -13.70 22.18
N TRP B 595 7.87 -12.84 21.22
CA TRP B 595 7.79 -13.25 19.82
C TRP B 595 8.74 -12.32 19.10
N MET B 596 8.93 -12.54 17.80
CA MET B 596 9.78 -11.69 16.98
C MET B 596 8.88 -11.01 15.99
N GLU B 597 9.13 -9.73 15.72
CA GLU B 597 8.32 -9.01 14.74
C GLU B 597 8.69 -9.50 13.38
N ARG B 598 7.86 -9.20 12.40
CA ARG B 598 8.13 -9.57 11.04
C ARG B 598 9.39 -8.84 10.54
N ASP B 599 10.09 -9.50 9.63
CA ASP B 599 11.29 -8.98 9.05
C ASP B 599 11.09 -7.85 8.02
N VAL B 600 12.15 -7.09 7.78
CA VAL B 600 12.07 -6.08 6.76
C VAL B 600 12.89 -6.61 5.60
N TYR B 601 12.38 -6.39 4.39
CA TYR B 601 13.01 -6.77 3.14
C TYR B 601 13.46 -5.55 2.45
N LEU B 602 14.40 -5.71 1.52
CA LEU B 602 14.89 -4.58 0.75
C LEU B 602 13.71 -4.05 -0.15
N GLN B 603 12.93 -4.94 -0.74
CA GLN B 603 11.81 -4.49 -1.53
C GLN B 603 10.53 -4.15 -0.73
N GLY B 604 10.62 -4.12 0.59
CA GLY B 604 9.47 -3.81 1.41
C GLY B 604 9.44 -2.40 1.97
N PRO B 605 8.40 -2.10 2.77
CA PRO B 605 8.04 -0.86 3.47
C PRO B 605 8.81 -0.49 4.69
N ILE B 606 9.20 0.76 4.83
CA ILE B 606 9.95 1.17 6.01
C ILE B 606 9.08 1.55 7.24
N TRP B 607 8.01 2.31 7.06
CA TRP B 607 7.19 2.70 8.19
C TRP B 607 5.70 2.67 7.90
N ALA B 608 4.92 2.80 8.96
CA ALA B 608 3.45 2.86 8.86
C ALA B 608 3.04 3.89 9.88
N LYS B 609 1.92 4.57 9.64
CA LYS B 609 1.42 5.51 10.64
C LYS B 609 0.54 4.73 11.62
N ILE B 610 0.73 4.93 12.91
CA ILE B 610 -0.13 4.27 13.91
C ILE B 610 -1.43 5.08 13.91
N PRO B 611 -2.60 4.44 13.66
CA PRO B 611 -3.86 5.19 13.64
C PRO B 611 -4.20 5.91 14.94
N GLU B 612 -4.67 7.15 14.84
CA GLU B 612 -5.06 7.93 16.04
C GLU B 612 -6.47 7.49 16.50
N THR B 613 -6.54 6.80 17.64
CA THR B 613 -7.80 6.30 18.20
C THR B 613 -7.74 6.41 19.72
N GLY B 614 -6.56 6.69 20.24
CA GLY B 614 -6.40 6.77 21.67
C GLY B 614 -6.14 5.42 22.36
N ALA B 615 -6.22 4.30 21.64
CA ALA B 615 -5.99 3.00 22.26
C ALA B 615 -5.43 1.98 21.32
N HIS B 616 -4.23 1.50 21.61
CA HIS B 616 -3.63 0.48 20.78
C HIS B 616 -2.73 -0.38 21.58
N PHE B 617 -2.41 -1.55 21.04
CA PHE B 617 -1.51 -2.45 21.72
C PHE B 617 -0.32 -2.81 20.88
N HIS B 618 0.88 -2.46 21.34
CA HIS B 618 2.10 -2.83 20.63
C HIS B 618 2.06 -2.42 19.18
N PRO B 619 2.18 -1.11 18.93
CA PRO B 619 2.14 -0.50 17.61
C PRO B 619 3.27 -0.88 16.67
N SER B 620 3.20 -2.11 16.18
CA SER B 620 4.19 -2.61 15.22
C SER B 620 3.33 -3.17 14.07
N PRO B 621 3.44 -2.56 12.89
CA PRO B 621 2.70 -2.94 11.70
C PRO B 621 2.87 -4.35 11.17
N ALA B 622 1.76 -4.95 10.78
CA ALA B 622 1.75 -6.30 10.29
C ALA B 622 2.70 -6.51 9.12
N MET B 623 2.83 -5.52 8.25
CA MET B 623 3.71 -5.66 7.09
C MET B 623 5.18 -5.42 7.39
N GLY B 624 5.53 -5.11 8.63
CA GLY B 624 6.92 -4.88 8.97
C GLY B 624 7.29 -3.41 8.96
N GLY B 625 8.40 -3.10 9.59
CA GLY B 625 8.81 -1.71 9.60
C GLY B 625 8.56 -1.03 10.92
N PHE B 626 8.71 0.28 10.92
CA PHE B 626 8.51 1.05 12.11
C PHE B 626 7.09 1.62 12.17
N GLY B 627 6.50 1.62 13.36
CA GLY B 627 5.16 2.15 13.50
C GLY B 627 5.41 3.52 14.08
N LEU B 628 4.87 4.54 13.46
CA LEU B 628 5.12 5.87 13.95
C LEU B 628 3.87 6.64 14.29
N LYS B 629 3.96 7.42 15.36
CA LYS B 629 2.84 8.25 15.77
C LYS B 629 2.77 9.36 14.73
N HIS B 630 3.92 9.99 14.51
CA HIS B 630 4.08 11.09 13.55
C HIS B 630 5.11 10.74 12.52
N PRO B 631 4.71 10.09 11.45
CA PRO B 631 5.61 9.68 10.36
C PRO B 631 6.03 10.82 9.40
N PRO B 632 6.98 10.54 8.45
CA PRO B 632 7.42 11.57 7.49
C PRO B 632 6.16 12.07 6.78
N PRO B 633 5.88 13.36 6.89
CA PRO B 633 4.71 13.99 6.30
C PRO B 633 4.59 13.77 4.82
N MET B 634 3.36 13.74 4.34
CA MET B 634 3.12 13.58 2.91
C MET B 634 3.50 14.83 2.14
N MET B 635 4.11 14.61 0.99
CA MET B 635 4.50 15.70 0.14
C MET B 635 3.67 15.62 -1.11
N LEU B 636 2.84 16.63 -1.28
CA LEU B 636 1.95 16.70 -2.40
C LEU B 636 2.35 17.71 -3.45
N ILE B 637 2.06 17.36 -4.68
CA ILE B 637 2.47 18.23 -5.72
C ILE B 637 1.51 18.28 -6.89
N LYS B 638 1.30 19.46 -7.43
CA LYS B 638 0.47 19.53 -8.63
C LYS B 638 0.82 20.67 -9.54
N ASN B 639 0.47 20.48 -10.78
CA ASN B 639 0.68 21.45 -11.83
C ASN B 639 -0.38 22.51 -11.68
N THR B 640 0.01 23.76 -11.45
CA THR B 640 -0.96 24.84 -11.34
C THR B 640 -1.69 25.00 -12.68
N PRO B 641 -3.02 25.02 -12.66
CA PRO B 641 -3.79 25.14 -13.90
C PRO B 641 -3.61 26.44 -14.68
N VAL B 642 -3.59 26.31 -15.99
CA VAL B 642 -3.46 27.48 -16.86
C VAL B 642 -4.62 27.46 -17.84
N PRO B 643 -5.52 28.43 -17.73
CA PRO B 643 -6.70 28.55 -18.61
C PRO B 643 -6.42 28.74 -20.10
N GLY B 644 -7.29 28.18 -20.92
CA GLY B 644 -7.16 28.30 -22.36
C GLY B 644 -7.68 29.66 -22.76
N ASN B 645 -8.01 29.85 -24.04
CA ASN B 645 -8.49 31.15 -24.51
C ASN B 645 -9.94 31.35 -24.06
N ILE B 646 -10.15 32.35 -23.22
CA ILE B 646 -11.48 32.68 -22.68
C ILE B 646 -11.75 34.11 -23.11
N THR B 647 -12.83 34.28 -23.88
CA THR B 647 -13.14 35.59 -24.44
C THR B 647 -14.29 36.40 -23.84
N SER B 648 -15.17 35.71 -23.12
CA SER B 648 -16.30 36.38 -22.49
C SER B 648 -16.35 36.00 -21.03
N PHE B 649 -17.13 36.77 -20.28
CA PHE B 649 -17.27 36.51 -18.88
C PHE B 649 -18.39 35.50 -18.59
N SER B 650 -18.21 34.76 -17.50
CA SER B 650 -19.20 33.79 -17.05
C SER B 650 -18.98 33.60 -15.57
N ASP B 651 -20.05 33.34 -14.82
CA ASP B 651 -19.88 33.10 -13.40
C ASP B 651 -19.54 31.61 -13.24
N VAL B 652 -19.84 30.81 -14.28
CA VAL B 652 -19.52 29.39 -14.29
C VAL B 652 -17.99 29.20 -14.41
N PRO B 653 -17.39 28.44 -13.47
CA PRO B 653 -15.94 28.15 -13.43
C PRO B 653 -15.33 27.73 -14.77
N VAL B 654 -14.11 28.17 -15.04
CA VAL B 654 -13.42 27.83 -16.27
C VAL B 654 -13.20 26.31 -16.37
N SER B 655 -13.43 25.73 -17.55
CA SER B 655 -13.25 24.29 -17.72
C SER B 655 -12.31 23.86 -18.86
N SER B 656 -11.73 24.83 -19.57
CA SER B 656 -10.78 24.54 -20.67
C SER B 656 -9.39 24.99 -20.26
N PHE B 657 -8.47 24.05 -20.16
CA PHE B 657 -7.11 24.38 -19.76
C PHE B 657 -6.10 24.00 -20.81
N ILE B 658 -4.91 24.58 -20.69
CA ILE B 658 -3.80 24.26 -21.58
C ILE B 658 -3.32 22.95 -20.97
N THR B 659 -3.12 21.90 -21.77
CA THR B 659 -2.63 20.64 -21.19
C THR B 659 -1.11 20.69 -20.94
N GLN B 660 -0.69 20.22 -19.78
CA GLN B 660 0.73 20.25 -19.48
C GLN B 660 1.18 19.28 -18.43
N TYR B 661 2.49 19.09 -18.29
CA TYR B 661 3.00 18.18 -17.29
C TYR B 661 4.30 18.67 -16.75
N SER B 662 4.77 18.11 -15.65
CA SER B 662 6.04 18.57 -15.16
C SER B 662 6.97 17.45 -14.88
N THR B 663 8.22 17.82 -14.63
CA THR B 663 9.22 16.83 -14.37
C THR B 663 10.26 17.51 -13.59
N GLY B 664 11.07 16.74 -12.88
CA GLY B 664 12.10 17.38 -12.08
C GLY B 664 12.87 16.30 -11.45
N GLN B 665 13.68 16.67 -10.48
CA GLN B 665 14.51 15.73 -9.72
C GLN B 665 14.05 15.80 -8.29
N VAL B 666 14.27 14.72 -7.56
CA VAL B 666 13.94 14.69 -6.15
C VAL B 666 15.07 13.99 -5.46
N THR B 667 15.56 14.58 -4.40
CA THR B 667 16.60 13.98 -3.60
C THR B 667 16.13 13.67 -2.18
N VAL B 668 16.30 12.44 -1.71
CA VAL B 668 15.95 12.10 -0.33
C VAL B 668 17.25 11.74 0.41
N GLU B 669 17.45 12.28 1.58
CA GLU B 669 18.65 11.99 2.36
C GLU B 669 18.25 11.46 3.74
N MET B 670 18.47 10.19 4.02
CA MET B 670 18.13 9.63 5.34
C MET B 670 19.29 9.23 6.21
N GLU B 671 19.26 9.59 7.49
CA GLU B 671 20.28 9.15 8.39
C GLU B 671 19.73 7.98 9.18
N TRP B 672 20.51 6.91 9.32
CA TRP B 672 20.08 5.73 10.06
C TRP B 672 21.03 5.45 11.15
N GLU B 673 20.54 4.95 12.26
CA GLU B 673 21.42 4.62 13.36
C GLU B 673 21.53 3.12 13.41
N LEU B 674 22.74 2.62 13.63
CA LEU B 674 23.02 1.20 13.68
C LEU B 674 23.35 0.65 15.02
N LYS B 675 23.05 -0.62 15.20
CA LYS B 675 23.36 -1.30 16.43
C LYS B 675 24.44 -2.32 16.04
N LYS B 676 25.64 -2.06 16.53
CA LYS B 676 26.79 -2.91 16.27
C LYS B 676 26.64 -4.34 16.81
N GLU B 677 26.96 -5.32 15.96
CA GLU B 677 26.91 -6.73 16.33
C GLU B 677 28.07 -6.98 17.31
N ASN B 678 27.76 -7.62 18.43
CA ASN B 678 28.75 -7.87 19.49
C ASN B 678 28.82 -9.35 19.93
N SER B 679 28.96 -10.27 18.99
CA SER B 679 28.95 -11.70 19.30
C SER B 679 30.25 -12.35 19.79
N LYS B 680 30.10 -13.50 20.46
CA LYS B 680 31.24 -14.31 20.92
C LYS B 680 31.09 -15.69 20.33
N ARG B 681 30.36 -15.81 19.25
CA ARG B 681 30.20 -17.07 18.58
C ARG B 681 31.59 -17.38 18.05
N TRP B 682 31.96 -18.65 18.07
CA TRP B 682 33.27 -19.05 17.65
C TRP B 682 33.32 -19.42 16.18
N ASN B 683 32.40 -20.25 15.78
CA ASN B 683 32.36 -20.71 14.45
C ASN B 683 31.79 -19.64 13.51
N PRO B 684 32.07 -19.73 12.20
CA PRO B 684 31.53 -18.71 11.32
C PRO B 684 29.97 -18.72 11.13
N GLU B 685 29.45 -17.51 10.94
CA GLU B 685 28.03 -17.25 10.77
C GLU B 685 27.52 -17.39 9.34
N ILE B 686 26.20 -17.34 9.19
CA ILE B 686 25.56 -17.35 7.88
C ILE B 686 25.57 -15.88 7.39
N GLN B 687 25.80 -15.68 6.10
CA GLN B 687 25.87 -14.34 5.57
C GLN B 687 25.08 -14.30 4.30
N TYR B 688 24.57 -13.13 3.93
CA TYR B 688 23.83 -13.05 2.67
C TYR B 688 24.94 -13.02 1.61
N THR B 689 24.88 -13.92 0.66
CA THR B 689 25.91 -13.94 -0.33
C THR B 689 25.39 -14.13 -1.75
N ASN B 690 26.07 -13.49 -2.68
CA ASN B 690 25.76 -13.61 -4.09
C ASN B 690 26.02 -15.01 -4.68
N ASN B 691 25.21 -16.00 -4.35
CA ASN B 691 25.45 -17.37 -4.84
C ASN B 691 24.50 -17.89 -5.91
N TYR B 692 24.98 -18.01 -7.14
CA TYR B 692 24.13 -18.53 -8.21
C TYR B 692 24.87 -19.62 -8.98
N ASN B 693 24.18 -20.72 -9.23
CA ASN B 693 24.79 -21.80 -9.99
C ASN B 693 24.57 -21.57 -11.47
N ASP B 694 25.66 -21.27 -12.20
CA ASP B 694 25.62 -21.02 -13.66
C ASP B 694 24.69 -19.85 -14.01
N PRO B 695 25.08 -18.62 -13.61
CA PRO B 695 24.25 -17.44 -13.91
C PRO B 695 24.12 -17.18 -15.41
N GLN B 696 22.92 -16.80 -15.84
CA GLN B 696 22.70 -16.50 -17.24
C GLN B 696 22.73 -15.00 -17.38
N PHE B 697 22.57 -14.34 -16.24
CA PHE B 697 22.59 -12.90 -16.16
C PHE B 697 22.95 -12.53 -14.76
N VAL B 698 23.43 -11.32 -14.58
CA VAL B 698 23.78 -10.84 -13.27
C VAL B 698 22.48 -10.36 -12.57
N ASP B 699 22.27 -10.82 -11.34
CA ASP B 699 21.08 -10.41 -10.59
C ASP B 699 21.29 -9.03 -9.96
N PHE B 700 20.25 -8.21 -9.92
CA PHE B 700 20.32 -6.84 -9.38
C PHE B 700 21.12 -5.96 -10.30
N ALA B 701 20.96 -6.21 -11.59
CA ALA B 701 21.61 -5.48 -12.64
C ALA B 701 20.64 -5.46 -13.82
N PRO B 702 20.84 -4.54 -14.78
CA PRO B 702 20.03 -4.36 -16.00
C PRO B 702 20.33 -5.51 -16.92
N ASP B 703 19.35 -6.03 -17.63
CA ASP B 703 19.70 -7.12 -18.52
C ASP B 703 19.98 -6.56 -19.94
N SER B 704 20.01 -7.44 -20.94
CA SER B 704 20.29 -7.04 -22.32
C SER B 704 19.33 -6.00 -22.90
N THR B 705 18.13 -5.96 -22.35
CA THR B 705 17.07 -5.06 -22.74
C THR B 705 17.19 -3.73 -22.00
N GLY B 706 17.82 -3.76 -20.83
CA GLY B 706 17.98 -2.55 -20.07
C GLY B 706 17.06 -2.52 -18.86
N GLU B 707 16.29 -3.60 -18.68
CA GLU B 707 15.37 -3.70 -17.55
C GLU B 707 16.04 -4.35 -16.35
N TYR B 708 15.86 -3.72 -15.19
CA TYR B 708 16.42 -4.15 -13.94
C TYR B 708 15.90 -5.50 -13.42
N ARG B 709 16.79 -6.43 -13.13
CA ARG B 709 16.38 -7.75 -12.64
C ARG B 709 16.62 -7.92 -11.15
N THR B 710 15.74 -8.66 -10.48
CA THR B 710 15.87 -8.97 -9.06
C THR B 710 15.18 -10.33 -8.89
N THR B 711 15.96 -11.35 -8.58
CA THR B 711 15.38 -12.67 -8.43
C THR B 711 15.13 -13.12 -7.02
N ARG B 712 15.49 -12.31 -6.03
CA ARG B 712 15.18 -12.76 -4.70
C ARG B 712 14.96 -11.73 -3.63
N PRO B 713 14.03 -12.02 -2.72
CA PRO B 713 13.75 -11.06 -1.64
C PRO B 713 14.89 -11.12 -0.64
N ILE B 714 15.42 -9.98 -0.23
CA ILE B 714 16.49 -10.05 0.73
C ILE B 714 16.02 -9.52 2.05
N GLY B 715 15.88 -10.46 2.99
CA GLY B 715 15.45 -10.13 4.32
C GLY B 715 16.50 -9.47 5.14
N THR B 716 16.40 -9.65 6.43
CA THR B 716 17.35 -8.97 7.27
C THR B 716 18.05 -9.81 8.34
N ARG B 717 17.66 -11.07 8.57
CA ARG B 717 18.28 -11.84 9.65
C ARG B 717 19.27 -12.90 9.26
N TYR B 718 20.55 -12.58 9.40
CA TYR B 718 21.58 -13.53 9.03
C TYR B 718 22.42 -13.81 10.25
N LEU B 719 22.64 -12.77 11.04
CA LEU B 719 23.40 -12.91 12.26
C LEU B 719 22.53 -13.63 13.31
N THR B 720 23.17 -14.26 14.29
CA THR B 720 22.44 -14.99 15.34
C THR B 720 22.78 -14.44 16.68
N ARG B 721 21.98 -14.79 17.68
CA ARG B 721 22.22 -14.39 19.04
C ARG B 721 21.64 -15.42 19.94
N PRO B 722 22.25 -15.61 21.12
CA PRO B 722 21.65 -16.62 22.02
C PRO B 722 20.44 -15.90 22.67
N LEU B 723 19.37 -16.62 22.98
CA LEU B 723 18.22 -15.96 23.60
C LEU B 723 18.56 -15.39 25.01
#